data_3OIG
#
_entry.id   3OIG
#
_cell.length_a   69.126
_cell.length_b   80.004
_cell.length_c   88.077
_cell.angle_alpha   90.00
_cell.angle_beta   90.00
_cell.angle_gamma   90.00
#
_symmetry.space_group_name_H-M   'I 2 2 2'
#
loop_
_entity.id
_entity.type
_entity.pdbx_description
1 polymer 'Enoyl-[acyl-carrier-protein] reductase [NADH]'
2 non-polymer NICOTINAMIDE-ADENINE-DINUCLEOTIDE
3 non-polymer (2E)-N-[(1,2-dimethyl-1H-indol-3-yl)methyl]-N-methyl-3-(7-oxo-5,6,7,8-tetrahydro-1,8-naphthyridin-3-yl)prop-2-enamide
4 water water
#
_entity_poly.entity_id   1
_entity_poly.type   'polypeptide(L)'
_entity_poly.pdbx_seq_one_letter_code
;MNFSLEGRNIVVMGVANKRSIAWGIARSLHEAGARLIFTYAGERLEKSVHELAGTLDRNDSIILPCDVTNDAEIETCFAS
IKEQVGVIHGIAHCIAFANKEELVGEYLNTNRDGFLLAHNISSYSLTAVVKAARPMMTEGGSIVTLTYLGGELVMPNYNV
MGVAKASLDASVKYLAADLGKENIRVNSISAGPIRTLSAKGISDFNSILKDIEERAPLRRTTTPEEVGDTAAFLFSDMSR
GITGENLHVDSGFHITARLEHHHHHH
;
_entity_poly.pdbx_strand_id   A
#
loop_
_chem_comp.id
_chem_comp.type
_chem_comp.name
_chem_comp.formula
IMJ non-polymer (2E)-N-[(1,2-dimethyl-1H-indol-3-yl)methyl]-N-methyl-3-(7-oxo-5,6,7,8-tetrahydro-1,8-naphthyridin-3-yl)prop-2-enamide 'C23 H24 N4 O2'
NAD non-polymer NICOTINAMIDE-ADENINE-DINUCLEOTIDE 'C21 H27 N7 O14 P2'
#
# COMPACT_ATOMS: atom_id res chain seq x y z
N MET A 1 -17.15 -10.44 17.14
CA MET A 1 -16.42 -10.25 15.79
C MET A 1 -15.23 -11.18 15.79
N ASN A 2 -14.68 -11.36 14.59
CA ASN A 2 -13.60 -12.24 14.36
C ASN A 2 -12.66 -11.72 13.26
N PHE A 3 -11.55 -12.42 13.10
CA PHE A 3 -10.52 -12.00 12.15
C PHE A 3 -10.79 -12.50 10.72
N SER A 4 -11.80 -13.30 10.51
CA SER A 4 -11.98 -13.91 9.21
C SER A 4 -12.33 -12.84 8.18
N LEU A 5 -11.80 -13.09 6.99
CA LEU A 5 -12.13 -12.31 5.79
C LEU A 5 -12.91 -13.17 4.77
N GLU A 6 -13.43 -14.34 5.21
CA GLU A 6 -14.34 -15.10 4.32
C GLU A 6 -15.50 -14.21 3.88
N GLY A 7 -15.82 -14.19 2.60
CA GLY A 7 -16.98 -13.43 2.05
C GLY A 7 -16.57 -11.99 1.82
N ARG A 8 -15.27 -11.61 2.02
CA ARG A 8 -14.83 -10.21 1.75
C ARG A 8 -14.07 -10.21 0.42
N ASN A 9 -14.46 -9.30 -0.48
CA ASN A 9 -13.73 -9.10 -1.74
C ASN A 9 -12.79 -7.93 -1.53
N ILE A 10 -11.49 -8.16 -1.69
CA ILE A 10 -10.48 -7.10 -1.40
C ILE A 10 -9.64 -6.90 -2.62
N VAL A 11 -9.49 -5.67 -3.05
CA VAL A 11 -8.67 -5.30 -4.18
C VAL A 11 -7.26 -5.05 -3.71
N VAL A 12 -6.30 -5.73 -4.24
CA VAL A 12 -4.89 -5.52 -3.83
C VAL A 12 -4.20 -4.91 -5.04
N MET A 13 -3.76 -3.69 -4.91
CA MET A 13 -3.19 -2.87 -5.99
C MET A 13 -1.71 -2.79 -5.77
N GLY A 14 -0.88 -3.20 -6.73
CA GLY A 14 0.55 -3.02 -6.64
C GLY A 14 1.42 -4.23 -6.44
N VAL A 15 0.95 -5.47 -6.68
CA VAL A 15 1.89 -6.56 -6.81
C VAL A 15 2.70 -6.37 -8.08
N ALA A 16 4.00 -6.47 -7.96
CA ALA A 16 4.92 -6.48 -9.16
C ALA A 16 5.65 -7.80 -9.16
N ASN A 17 6.16 -8.30 -8.04
CA ASN A 17 6.83 -9.63 -8.02
C ASN A 17 6.67 -10.20 -6.65
N LYS A 18 7.33 -11.30 -6.35
CA LYS A 18 7.05 -11.94 -5.07
C LYS A 18 7.70 -11.13 -3.87
N ARG A 19 8.53 -10.15 -4.17
CA ARG A 19 9.11 -9.33 -3.08
C ARG A 19 8.18 -8.15 -2.78
N SER A 20 7.18 -7.85 -3.57
CA SER A 20 6.31 -6.70 -3.32
C SER A 20 5.66 -6.81 -1.98
N ILE A 21 5.56 -5.65 -1.30
CA ILE A 21 4.79 -5.67 -0.06
C ILE A 21 3.35 -6.09 -0.31
N ALA A 22 2.78 -5.67 -1.45
CA ALA A 22 1.43 -6.10 -1.78
C ALA A 22 1.26 -7.62 -1.86
N TRP A 23 2.34 -8.33 -2.23
CA TRP A 23 2.27 -9.81 -2.27
C TRP A 23 2.25 -10.37 -0.85
N GLY A 24 2.94 -9.75 0.09
CA GLY A 24 2.85 -10.14 1.52
C GLY A 24 1.40 -9.94 2.01
N ILE A 25 0.83 -8.76 1.65
CA ILE A 25 -0.57 -8.49 2.02
C ILE A 25 -1.50 -9.50 1.40
N ALA A 26 -1.35 -9.76 0.09
CA ALA A 26 -2.28 -10.74 -0.57
C ALA A 26 -2.20 -12.06 0.11
N ARG A 27 -1.01 -12.58 0.45
CA ARG A 27 -0.94 -13.84 1.10
C ARG A 27 -1.67 -13.87 2.40
N SER A 28 -1.46 -12.86 3.26
CA SER A 28 -2.13 -12.83 4.52
C SER A 28 -3.63 -12.76 4.35
N LEU A 29 -4.11 -11.92 3.44
CA LEU A 29 -5.56 -11.81 3.25
C LEU A 29 -6.15 -13.08 2.71
N HIS A 30 -5.45 -13.74 1.78
CA HIS A 30 -5.99 -15.01 1.26
C HIS A 30 -6.04 -16.01 2.39
N GLU A 31 -5.07 -16.10 3.28
CA GLU A 31 -5.05 -17.05 4.35
C GLU A 31 -6.17 -16.78 5.29
N ALA A 32 -6.59 -15.55 5.44
CA ALA A 32 -7.72 -15.17 6.28
C ALA A 32 -9.04 -15.43 5.62
N GLY A 33 -9.06 -15.83 4.34
CA GLY A 33 -10.31 -16.20 3.66
C GLY A 33 -10.76 -15.20 2.59
N ALA A 34 -10.07 -14.07 2.36
CA ALA A 34 -10.60 -13.06 1.42
C ALA A 34 -10.53 -13.61 0.02
N ARG A 35 -11.45 -13.11 -0.82
CA ARG A 35 -11.32 -13.24 -2.29
C ARG A 35 -10.61 -12.03 -2.83
N LEU A 36 -9.55 -12.23 -3.57
CA LEU A 36 -8.71 -11.14 -4.00
C LEU A 36 -8.89 -10.73 -5.45
N ILE A 37 -8.86 -9.43 -5.68
CA ILE A 37 -8.77 -8.84 -6.99
C ILE A 37 -7.43 -8.16 -7.10
N PHE A 38 -6.56 -8.66 -7.87
CA PHE A 38 -5.22 -8.03 -8.05
C PHE A 38 -5.28 -7.03 -9.20
N THR A 39 -4.64 -5.87 -9.00
CA THR A 39 -4.45 -4.96 -10.13
C THR A 39 -3.01 -4.71 -10.36
N TYR A 40 -2.65 -4.52 -11.59
CA TYR A 40 -1.22 -4.37 -11.98
C TYR A 40 -1.05 -3.25 -12.95
N ALA A 41 0.17 -2.71 -13.02
CA ALA A 41 0.39 -1.60 -14.00
C ALA A 41 1.34 -2.13 -15.09
N GLY A 42 0.92 -2.18 -16.28
CA GLY A 42 1.85 -2.37 -17.36
C GLY A 42 1.53 -3.75 -17.82
N GLU A 43 1.38 -3.86 -19.14
CA GLU A 43 1.06 -5.16 -19.70
C GLU A 43 2.13 -6.21 -19.41
N ARG A 44 3.37 -5.86 -19.21
CA ARG A 44 4.33 -6.92 -18.92
C ARG A 44 4.22 -7.52 -17.60
N LEU A 45 3.48 -6.89 -16.70
CA LEU A 45 3.24 -7.54 -15.38
C LEU A 45 2.10 -8.47 -15.36
N GLU A 46 1.24 -8.46 -16.36
CA GLU A 46 0.06 -9.29 -16.35
C GLU A 46 0.30 -10.78 -16.04
N LYS A 47 1.20 -11.38 -16.81
CA LYS A 47 1.49 -12.80 -16.61
C LYS A 47 2.17 -13.12 -15.32
N SER A 48 2.97 -12.25 -14.85
CA SER A 48 3.68 -12.30 -13.54
C SER A 48 2.72 -12.44 -12.42
N VAL A 49 1.78 -11.51 -12.41
CA VAL A 49 0.85 -11.42 -11.33
C VAL A 49 -0.12 -12.56 -11.43
N HIS A 50 -0.59 -12.95 -12.66
CA HIS A 50 -1.43 -14.10 -12.80
C HIS A 50 -0.76 -15.31 -12.22
N GLU A 51 0.55 -15.53 -12.53
CA GLU A 51 1.23 -16.70 -12.04
C GLU A 51 1.32 -16.72 -10.49
N LEU A 52 1.73 -15.56 -9.93
CA LEU A 52 1.82 -15.50 -8.43
C LEU A 52 0.49 -15.77 -7.77
N ALA A 53 -0.57 -15.21 -8.35
CA ALA A 53 -1.93 -15.46 -7.79
C ALA A 53 -2.28 -16.92 -7.89
N GLY A 54 -1.80 -17.59 -8.93
CA GLY A 54 -2.08 -18.99 -9.14
C GLY A 54 -1.42 -19.88 -8.13
N THR A 55 -0.47 -19.38 -7.31
CA THR A 55 0.12 -20.17 -6.24
C THR A 55 -0.80 -20.19 -5.01
N LEU A 56 -1.82 -19.36 -4.97
CA LEU A 56 -2.74 -19.36 -3.84
C LEU A 56 -3.65 -20.56 -3.92
N ASP A 57 -4.11 -20.96 -2.74
CA ASP A 57 -4.65 -22.29 -2.64
C ASP A 57 -6.08 -22.31 -3.08
N ARG A 58 -6.73 -21.13 -3.20
CA ARG A 58 -8.00 -21.11 -3.95
C ARG A 58 -7.81 -20.40 -5.26
N ASN A 59 -8.51 -20.86 -6.28
CA ASN A 59 -8.32 -20.30 -7.63
C ASN A 59 -9.46 -19.32 -7.94
N ASP A 60 -9.64 -18.36 -7.01
CA ASP A 60 -10.82 -17.50 -7.13
C ASP A 60 -10.42 -16.05 -7.40
N SER A 61 -9.15 -15.85 -7.62
CA SER A 61 -8.64 -14.47 -7.80
C SER A 61 -9.00 -13.92 -9.09
N ILE A 62 -9.17 -12.61 -9.19
CA ILE A 62 -9.37 -11.84 -10.43
C ILE A 62 -8.16 -11.01 -10.63
N ILE A 63 -7.68 -10.85 -11.86
CA ILE A 63 -6.48 -10.07 -12.11
C ILE A 63 -6.77 -9.04 -13.19
N LEU A 64 -6.57 -7.79 -12.99
CA LEU A 64 -7.04 -6.71 -13.91
C LEU A 64 -5.98 -5.66 -14.02
N PRO A 65 -5.80 -5.01 -15.19
CA PRO A 65 -4.89 -3.87 -15.30
C PRO A 65 -5.46 -2.60 -14.68
N CYS A 66 -4.59 -1.85 -13.99
CA CYS A 66 -5.02 -0.53 -13.49
C CYS A 66 -3.84 0.36 -13.32
N ASP A 67 -3.45 1.08 -14.35
CA ASP A 67 -2.56 2.17 -14.25
C ASP A 67 -3.22 3.35 -13.67
N VAL A 68 -2.69 3.97 -12.67
CA VAL A 68 -3.35 5.10 -11.97
C VAL A 68 -2.90 6.40 -12.48
N THR A 69 -2.30 6.61 -13.60
CA THR A 69 -1.80 7.90 -14.16
C THR A 69 -2.87 8.97 -14.42
N ASN A 70 -3.89 8.54 -15.09
CA ASN A 70 -5.16 9.30 -15.06
C ASN A 70 -6.35 8.42 -14.61
N ASP A 71 -7.60 8.76 -14.96
CA ASP A 71 -8.81 8.06 -14.47
C ASP A 71 -9.32 6.99 -15.33
N ALA A 72 -8.74 6.87 -16.52
CA ALA A 72 -9.41 6.05 -17.51
C ALA A 72 -9.40 4.47 -17.26
N GLU A 73 -8.25 4.06 -16.98
CA GLU A 73 -8.07 2.64 -16.62
C GLU A 73 -8.71 2.36 -15.30
N ILE A 74 -8.64 3.33 -14.40
CA ILE A 74 -9.31 3.17 -13.08
C ILE A 74 -10.76 2.88 -13.28
N GLU A 75 -11.44 3.70 -14.14
CA GLU A 75 -12.84 3.48 -14.41
C GLU A 75 -13.11 2.10 -15.07
N THR A 76 -12.31 1.71 -16.02
CA THR A 76 -12.43 0.40 -16.72
C THR A 76 -12.32 -0.70 -15.62
N CYS A 77 -11.26 -0.62 -14.84
CA CYS A 77 -10.95 -1.66 -13.87
C CYS A 77 -12.08 -1.83 -12.85
N PHE A 78 -12.51 -0.74 -12.29
CA PHE A 78 -13.55 -0.80 -11.23
C PHE A 78 -14.90 -1.20 -11.85
N ALA A 79 -15.15 -0.86 -13.12
CA ALA A 79 -16.37 -1.34 -13.78
C ALA A 79 -16.31 -2.85 -13.88
N SER A 80 -15.19 -3.41 -14.25
CA SER A 80 -15.05 -4.87 -14.33
C SER A 80 -15.33 -5.46 -12.94
N ILE A 81 -14.70 -4.86 -11.90
CA ILE A 81 -14.86 -5.41 -10.57
C ILE A 81 -16.36 -5.40 -10.16
N LYS A 82 -17.01 -4.25 -10.41
CA LYS A 82 -18.46 -4.14 -10.09
C LYS A 82 -19.29 -5.24 -10.80
N GLU A 83 -19.00 -5.53 -12.05
CA GLU A 83 -19.76 -6.56 -12.76
C GLU A 83 -19.40 -7.94 -12.24
N GLN A 84 -18.12 -8.20 -11.93
CA GLN A 84 -17.67 -9.56 -11.57
C GLN A 84 -18.02 -9.96 -10.14
N VAL A 85 -17.96 -9.00 -9.23
CA VAL A 85 -18.16 -9.33 -7.82
C VAL A 85 -19.23 -8.53 -7.12
N GLY A 86 -19.65 -7.41 -7.68
CA GLY A 86 -20.77 -6.67 -7.10
C GLY A 86 -20.36 -5.68 -6.00
N VAL A 87 -19.71 -6.16 -4.98
CA VAL A 87 -19.43 -5.32 -3.82
C VAL A 87 -17.93 -5.50 -3.48
N ILE A 88 -17.30 -4.40 -3.18
CA ILE A 88 -15.89 -4.37 -2.72
C ILE A 88 -15.93 -4.14 -1.21
N HIS A 89 -15.18 -4.92 -0.44
CA HIS A 89 -15.05 -4.72 1.01
C HIS A 89 -13.76 -4.11 1.45
N GLY A 90 -12.80 -4.03 0.56
CA GLY A 90 -11.50 -3.42 0.97
C GLY A 90 -10.66 -3.12 -0.22
N ILE A 91 -9.72 -2.22 -0.05
CA ILE A 91 -8.63 -1.93 -1.01
C ILE A 91 -7.32 -1.87 -0.27
N ALA A 92 -6.30 -2.53 -0.76
CA ALA A 92 -4.90 -2.35 -0.33
C ALA A 92 -4.21 -1.56 -1.41
N HIS A 93 -3.87 -0.32 -1.15
CA HIS A 93 -3.22 0.57 -2.12
C HIS A 93 -1.74 0.53 -1.87
N CYS A 94 -0.99 -0.08 -2.77
CA CYS A 94 0.46 -0.31 -2.63
C CYS A 94 1.21 0.22 -3.81
N ILE A 95 1.09 1.48 -4.05
CA ILE A 95 1.54 2.10 -5.35
C ILE A 95 2.35 3.31 -4.99
N ALA A 96 3.55 3.45 -5.56
CA ALA A 96 4.33 4.70 -5.44
C ALA A 96 5.22 4.83 -6.62
N PHE A 97 5.49 6.06 -7.04
CA PHE A 97 6.53 6.29 -8.08
C PHE A 97 6.94 7.73 -8.00
N ALA A 98 8.26 7.88 -8.21
CA ALA A 98 8.89 9.18 -8.46
C ALA A 98 10.05 8.93 -9.41
N ASN A 99 10.53 10.00 -10.06
CA ASN A 99 11.72 9.81 -10.94
C ASN A 99 12.94 9.49 -10.10
N LYS A 100 13.65 8.41 -10.43
CA LYS A 100 14.67 7.90 -9.60
C LYS A 100 15.81 8.92 -9.34
N GLU A 101 16.08 9.79 -10.31
CA GLU A 101 17.22 10.70 -10.10
C GLU A 101 16.90 11.72 -9.07
N GLU A 102 15.63 11.90 -8.71
CA GLU A 102 15.20 12.81 -7.61
C GLU A 102 15.35 12.22 -6.27
N LEU A 103 15.66 10.93 -6.20
CA LEU A 103 15.73 10.20 -4.95
C LEU A 103 17.19 9.83 -4.66
N VAL A 104 18.07 10.70 -5.14
CA VAL A 104 19.51 10.64 -4.85
C VAL A 104 20.04 12.05 -4.59
N GLY A 105 20.86 12.21 -3.56
CA GLY A 105 21.35 13.54 -3.19
C GLY A 105 20.27 14.45 -2.65
N GLU A 106 20.39 15.71 -2.91
CA GLU A 106 19.52 16.70 -2.28
C GLU A 106 18.06 16.53 -2.73
N TYR A 107 17.13 16.89 -1.83
CA TYR A 107 15.72 16.99 -2.23
C TYR A 107 15.57 17.95 -3.40
N LEU A 108 16.34 19.03 -3.42
CA LEU A 108 16.26 20.04 -4.46
C LEU A 108 16.64 19.48 -5.85
N ASN A 109 17.02 18.25 -5.98
CA ASN A 109 17.07 17.59 -7.34
C ASN A 109 15.73 17.38 -7.94
N THR A 110 14.62 17.59 -7.22
CA THR A 110 13.30 17.54 -7.89
C THR A 110 13.08 18.74 -8.75
N ASN A 111 11.94 18.79 -9.44
CA ASN A 111 11.49 19.89 -10.29
C ASN A 111 9.97 19.81 -10.37
N ARG A 112 9.34 20.78 -10.99
CA ARG A 112 7.86 20.78 -10.94
C ARG A 112 7.23 19.55 -11.50
N ASP A 113 7.68 19.13 -12.69
CA ASP A 113 7.11 17.97 -13.33
C ASP A 113 7.29 16.74 -12.49
N GLY A 114 8.47 16.53 -11.91
CA GLY A 114 8.73 15.36 -11.16
C GLY A 114 7.93 15.38 -9.86
N PHE A 115 7.90 16.52 -9.22
CA PHE A 115 7.17 16.70 -7.95
C PHE A 115 5.73 16.36 -8.19
N LEU A 116 5.10 16.90 -9.21
CA LEU A 116 3.68 16.63 -9.47
C LEU A 116 3.49 15.23 -9.93
N LEU A 117 4.39 14.57 -10.66
CA LEU A 117 4.24 13.18 -11.02
C LEU A 117 4.25 12.34 -9.73
N ALA A 118 5.21 12.60 -8.82
CA ALA A 118 5.30 11.82 -7.57
C ALA A 118 4.04 11.96 -6.77
N HIS A 119 3.53 13.16 -6.70
CA HIS A 119 2.26 13.37 -5.97
C HIS A 119 1.10 12.70 -6.66
N ASN A 120 1.02 12.73 -7.96
CA ASN A 120 -0.08 12.13 -8.69
C ASN A 120 -0.09 10.61 -8.42
N ILE A 121 1.01 9.95 -8.66
CA ILE A 121 1.06 8.47 -8.50
C ILE A 121 1.04 8.01 -7.10
N SER A 122 1.75 8.73 -6.26
CA SER A 122 1.97 8.24 -4.87
C SER A 122 0.93 8.72 -3.92
N SER A 123 0.25 9.84 -4.21
CA SER A 123 -0.73 10.40 -3.28
C SER A 123 -2.08 10.50 -3.92
N TYR A 124 -2.28 11.23 -5.02
CA TYR A 124 -3.64 11.36 -5.53
C TYR A 124 -4.22 10.02 -5.90
N SER A 125 -3.42 9.06 -6.36
CA SER A 125 -4.04 7.80 -6.78
C SER A 125 -4.91 7.17 -5.70
N LEU A 126 -4.54 7.34 -4.43
CA LEU A 126 -5.45 6.80 -3.42
C LEU A 126 -6.85 7.41 -3.50
N THR A 127 -6.91 8.73 -3.59
CA THR A 127 -8.17 9.42 -3.80
C THR A 127 -8.86 8.99 -5.07
N ALA A 128 -8.14 8.82 -6.17
CA ALA A 128 -8.78 8.38 -7.44
C ALA A 128 -9.38 7.01 -7.31
N VAL A 129 -8.69 6.07 -6.66
CA VAL A 129 -9.24 4.75 -6.50
C VAL A 129 -10.39 4.76 -5.53
N VAL A 130 -10.31 5.56 -4.48
CA VAL A 130 -11.44 5.70 -3.55
C VAL A 130 -12.70 6.16 -4.29
N LYS A 131 -12.55 7.19 -5.11
CA LYS A 131 -13.63 7.75 -5.86
C LYS A 131 -14.29 6.71 -6.72
N ALA A 132 -13.52 5.84 -7.36
CA ALA A 132 -14.11 4.87 -8.28
C ALA A 132 -14.71 3.75 -7.48
N ALA A 133 -14.22 3.40 -6.33
CA ALA A 133 -14.66 2.27 -5.52
C ALA A 133 -15.84 2.60 -4.64
N ARG A 134 -15.97 3.85 -4.19
CA ARG A 134 -16.97 4.23 -3.17
C ARG A 134 -18.40 3.70 -3.48
N PRO A 135 -18.88 3.80 -4.68
CA PRO A 135 -20.29 3.39 -4.84
C PRO A 135 -20.42 1.90 -4.83
N MET A 136 -19.36 1.12 -4.95
CA MET A 136 -19.40 -0.33 -4.79
C MET A 136 -19.06 -0.82 -3.42
N MET A 137 -18.79 0.10 -2.47
CA MET A 137 -18.56 -0.29 -1.14
C MET A 137 -19.77 -0.06 -0.30
N THR A 138 -20.77 -0.90 -0.59
CA THR A 138 -22.12 -0.73 -0.05
C THR A 138 -22.31 -1.48 1.27
N GLU A 139 -21.35 -2.31 1.72
CA GLU A 139 -21.45 -3.15 2.86
C GLU A 139 -20.40 -2.74 3.89
N GLY A 140 -19.94 -1.50 3.82
CA GLY A 140 -18.87 -1.07 4.71
C GLY A 140 -17.54 -1.63 4.19
N GLY A 141 -16.48 -1.04 4.66
CA GLY A 141 -15.19 -1.53 4.15
C GLY A 141 -14.01 -0.85 4.81
N SER A 142 -12.90 -1.26 4.29
CA SER A 142 -11.59 -0.86 4.89
C SER A 142 -10.58 -0.63 3.79
N ILE A 143 -9.92 0.51 3.85
CA ILE A 143 -8.94 0.87 2.82
C ILE A 143 -7.64 1.03 3.59
N VAL A 144 -6.58 0.40 3.05
CA VAL A 144 -5.21 0.49 3.66
C VAL A 144 -4.24 0.92 2.63
N THR A 145 -3.47 1.96 2.90
CA THR A 145 -2.32 2.34 2.04
C THR A 145 -1.00 2.13 2.79
N LEU A 146 0.08 2.18 2.07
CA LEU A 146 1.43 2.00 2.64
C LEU A 146 2.14 3.28 2.60
N THR A 147 2.74 3.68 3.73
CA THR A 147 3.54 4.89 3.83
C THR A 147 4.90 4.50 4.45
N TYR A 148 5.75 5.50 4.61
CA TYR A 148 7.08 5.29 5.11
C TYR A 148 7.48 6.47 6.02
N LEU A 149 8.32 6.21 7.05
CA LEU A 149 8.74 7.20 7.99
C LEU A 149 9.29 8.46 7.38
N GLY A 150 9.89 8.37 6.15
CA GLY A 150 10.34 9.57 5.50
C GLY A 150 9.25 10.57 5.10
N GLY A 151 7.97 10.26 5.29
CA GLY A 151 6.88 11.27 5.20
C GLY A 151 6.69 12.03 6.50
N GLU A 152 7.30 11.59 7.60
CA GLU A 152 7.19 12.29 8.90
C GLU A 152 8.40 13.03 9.27
N LEU A 153 9.55 12.63 8.81
CA LEU A 153 10.88 13.19 9.19
C LEU A 153 11.70 13.08 7.91
N VAL A 154 12.83 13.73 7.88
CA VAL A 154 13.78 13.62 6.77
C VAL A 154 14.46 12.27 6.86
N MET A 155 14.36 11.49 5.78
CA MET A 155 15.20 10.32 5.59
C MET A 155 16.11 10.55 4.37
N PRO A 156 17.42 10.38 4.54
CA PRO A 156 18.35 10.70 3.47
C PRO A 156 17.88 10.09 2.14
N ASN A 157 17.88 10.95 1.10
CA ASN A 157 17.58 10.60 -0.25
C ASN A 157 16.11 10.38 -0.56
N TYR A 158 15.26 10.25 0.51
CA TYR A 158 13.84 9.95 0.24
C TYR A 158 13.14 11.10 -0.39
N ASN A 159 13.54 12.33 -0.04
CA ASN A 159 13.33 13.49 -0.87
C ASN A 159 11.88 13.66 -1.30
N VAL A 160 11.64 13.85 -2.60
CA VAL A 160 10.26 14.14 -3.03
C VAL A 160 9.32 13.00 -2.72
N MET A 161 9.78 11.75 -2.60
CA MET A 161 8.85 10.71 -2.11
C MET A 161 8.44 10.97 -0.68
N GLY A 162 9.29 11.57 0.14
CA GLY A 162 8.85 11.91 1.53
C GLY A 162 7.78 12.94 1.49
N VAL A 163 7.94 14.00 0.64
CA VAL A 163 6.90 15.01 0.52
C VAL A 163 5.61 14.36 -0.01
N ALA A 164 5.70 13.49 -1.02
CA ALA A 164 4.48 12.85 -1.52
C ALA A 164 3.84 11.94 -0.47
N LYS A 165 4.63 11.23 0.33
CA LYS A 165 4.03 10.47 1.41
C LYS A 165 3.34 11.34 2.44
N ALA A 166 3.87 12.53 2.71
CA ALA A 166 3.20 13.42 3.66
C ALA A 166 1.83 13.84 3.09
N SER A 167 1.77 14.12 1.79
CA SER A 167 0.47 14.39 1.12
C SER A 167 -0.42 13.13 1.24
N LEU A 168 0.09 11.95 0.99
CA LEU A 168 -0.72 10.73 1.11
C LEU A 168 -1.26 10.61 2.55
N ASP A 169 -0.40 10.84 3.54
CA ASP A 169 -0.80 10.65 4.94
C ASP A 169 -1.92 11.64 5.30
N ALA A 170 -1.87 12.87 4.83
CA ALA A 170 -2.95 13.80 5.07
C ALA A 170 -4.19 13.38 4.38
N SER A 171 -4.09 12.84 3.18
CA SER A 171 -5.27 12.37 2.46
C SER A 171 -5.93 11.20 3.19
N VAL A 172 -5.16 10.34 3.82
CA VAL A 172 -5.76 9.26 4.60
C VAL A 172 -6.71 9.87 5.65
N LYS A 173 -6.28 10.90 6.34
CA LYS A 173 -7.12 11.48 7.35
C LYS A 173 -8.38 12.09 6.72
N TYR A 174 -8.22 12.93 5.69
CA TYR A 174 -9.41 13.55 5.12
C TYR A 174 -10.33 12.48 4.48
N LEU A 175 -9.82 11.47 3.87
CA LEU A 175 -10.68 10.39 3.33
C LEU A 175 -11.41 9.75 4.50
N ALA A 176 -10.67 9.41 5.57
CA ALA A 176 -11.34 8.78 6.70
C ALA A 176 -12.52 9.64 7.23
N ALA A 177 -12.33 10.96 7.27
CA ALA A 177 -13.38 11.87 7.74
C ALA A 177 -14.52 11.94 6.75
N ASP A 178 -14.32 11.74 5.46
CA ASP A 178 -15.44 11.76 4.51
C ASP A 178 -16.20 10.43 4.64
N LEU A 179 -15.54 9.31 4.80
CA LEU A 179 -16.14 8.00 4.51
C LEU A 179 -16.62 7.24 5.73
N GLY A 180 -16.23 7.66 6.93
CA GLY A 180 -16.64 6.91 8.11
C GLY A 180 -18.14 6.88 8.25
N LYS A 181 -18.86 7.89 7.74
CA LYS A 181 -20.34 7.88 7.88
C LYS A 181 -20.91 6.81 7.02
N GLU A 182 -20.17 6.19 6.08
CA GLU A 182 -20.61 5.06 5.25
C GLU A 182 -19.97 3.79 5.74
N ASN A 183 -19.44 3.76 6.97
CA ASN A 183 -18.76 2.64 7.54
C ASN A 183 -17.59 2.15 6.75
N ILE A 184 -16.87 3.12 6.16
CA ILE A 184 -15.62 2.80 5.43
C ILE A 184 -14.49 3.42 6.22
N ARG A 185 -13.52 2.62 6.61
CA ARG A 185 -12.33 3.07 7.38
C ARG A 185 -11.15 3.21 6.38
N VAL A 186 -10.31 4.16 6.73
CA VAL A 186 -9.14 4.42 5.88
C VAL A 186 -7.95 4.59 6.82
N ASN A 187 -6.90 3.76 6.62
CA ASN A 187 -5.71 3.73 7.50
C ASN A 187 -4.51 3.51 6.67
N SER A 188 -3.34 3.70 7.27
CA SER A 188 -2.07 3.33 6.64
C SER A 188 -1.26 2.43 7.51
N ILE A 189 -0.36 1.70 6.86
CA ILE A 189 0.75 1.00 7.51
C ILE A 189 2.02 1.72 7.07
N SER A 190 2.78 2.12 8.07
CA SER A 190 4.12 2.70 7.84
C SER A 190 5.16 1.58 8.02
N ALA A 191 5.54 0.97 6.89
CA ALA A 191 6.41 -0.17 6.95
C ALA A 191 7.86 0.23 7.10
N GLY A 192 8.65 -0.58 7.81
CA GLY A 192 10.08 -0.36 7.81
C GLY A 192 10.64 -0.75 6.46
N PRO A 193 11.90 -0.42 6.20
CA PRO A 193 12.49 -0.73 4.87
C PRO A 193 12.51 -2.18 4.57
N ILE A 194 12.17 -2.49 3.32
CA ILE A 194 12.11 -3.90 2.78
C ILE A 194 12.76 -3.84 1.40
N ARG A 195 13.61 -4.84 1.12
CA ARG A 195 14.25 -4.95 -0.19
C ARG A 195 13.32 -5.43 -1.24
N THR A 196 12.58 -4.56 -1.88
CA THR A 196 11.64 -4.75 -2.93
C THR A 196 12.20 -4.14 -4.21
N LEU A 197 11.44 -4.21 -5.31
CA LEU A 197 11.84 -3.50 -6.52
C LEU A 197 11.96 -2.00 -6.30
N SER A 198 11.19 -1.47 -5.36
CA SER A 198 11.26 -0.01 -5.05
C SER A 198 12.42 0.36 -4.11
N ALA A 199 13.23 -0.62 -3.73
CA ALA A 199 14.48 -0.33 -3.04
C ALA A 199 15.60 -0.25 -4.02
N LYS A 200 15.42 -0.63 -5.29
CA LYS A 200 16.58 -0.52 -6.22
C LYS A 200 16.86 0.95 -6.46
N GLY A 201 18.13 1.35 -6.24
CA GLY A 201 18.54 2.76 -6.32
C GLY A 201 18.93 3.39 -4.99
N ILE A 202 18.48 2.84 -3.87
CA ILE A 202 19.03 3.23 -2.59
C ILE A 202 20.50 2.88 -2.49
N SER A 203 21.35 3.85 -2.06
CA SER A 203 22.78 3.57 -1.90
C SER A 203 22.99 2.89 -0.56
N ASP A 204 23.92 1.96 -0.58
CA ASP A 204 24.34 1.28 0.66
C ASP A 204 23.07 0.78 1.43
N PHE A 205 22.05 0.23 0.73
CA PHE A 205 20.88 -0.32 1.43
C PHE A 205 21.24 -1.36 2.43
N ASN A 206 22.21 -2.22 2.21
CA ASN A 206 22.73 -3.17 3.21
C ASN A 206 23.12 -2.46 4.51
N SER A 207 23.71 -1.28 4.42
CA SER A 207 24.08 -0.51 5.65
C SER A 207 22.82 -0.02 6.35
N ILE A 208 21.82 0.40 5.66
CA ILE A 208 20.52 0.89 6.20
C ILE A 208 19.90 -0.31 6.93
N LEU A 209 19.81 -1.48 6.31
CA LEU A 209 19.18 -2.63 6.94
C LEU A 209 19.96 -3.08 8.16
N LYS A 210 21.28 -3.08 8.10
CA LYS A 210 22.10 -3.45 9.27
C LYS A 210 21.89 -2.51 10.45
N ASP A 211 21.81 -1.25 10.16
CA ASP A 211 21.54 -0.25 11.20
C ASP A 211 20.18 -0.44 11.83
N ILE A 212 19.17 -0.76 11.03
CA ILE A 212 17.86 -1.15 11.61
C ILE A 212 17.92 -2.35 12.47
N GLU A 213 18.66 -3.37 12.09
CA GLU A 213 18.83 -4.47 12.95
C GLU A 213 19.49 -4.14 14.26
N GLU A 214 20.40 -3.14 14.31
CA GLU A 214 21.04 -2.72 15.55
C GLU A 214 20.20 -1.76 16.37
N ARG A 215 19.49 -0.88 15.72
CA ARG A 215 18.84 0.24 16.39
C ARG A 215 17.38 -0.09 16.69
N ALA A 216 16.68 -0.85 15.89
CA ALA A 216 15.29 -1.08 16.17
C ALA A 216 15.13 -1.85 17.42
N PRO A 217 14.12 -1.51 18.22
CA PRO A 217 13.81 -2.25 19.46
C PRO A 217 13.83 -3.74 19.25
N LEU A 218 13.14 -4.27 18.24
CA LEU A 218 13.03 -5.70 18.03
C LEU A 218 14.22 -6.29 17.32
N ARG A 219 15.20 -5.49 16.95
CA ARG A 219 16.50 -6.06 16.49
C ARG A 219 16.37 -6.82 15.21
N ARG A 220 15.49 -6.42 14.31
CA ARG A 220 15.28 -7.20 13.06
C ARG A 220 14.63 -6.24 12.12
N THR A 221 14.85 -6.44 10.87
CA THR A 221 14.15 -5.67 9.80
C THR A 221 12.75 -6.25 9.49
N THR A 222 11.94 -5.43 8.85
CA THR A 222 10.52 -5.81 8.58
C THR A 222 10.42 -6.84 7.48
N THR A 223 9.35 -7.66 7.54
CA THR A 223 9.08 -8.59 6.43
C THR A 223 7.79 -8.22 5.80
N PRO A 224 7.57 -8.62 4.54
CA PRO A 224 6.24 -8.43 3.96
C PRO A 224 5.14 -9.17 4.71
N GLU A 225 5.47 -10.27 5.33
CA GLU A 225 4.43 -11.00 6.09
C GLU A 225 4.03 -10.30 7.35
N GLU A 226 4.94 -9.57 7.95
CA GLU A 226 4.57 -8.72 9.16
C GLU A 226 3.59 -7.66 8.68
N VAL A 227 3.87 -7.03 7.56
CA VAL A 227 3.01 -6.01 7.02
C VAL A 227 1.63 -6.63 6.62
N GLY A 228 1.69 -7.79 5.97
CA GLY A 228 0.49 -8.47 5.57
C GLY A 228 -0.42 -8.79 6.73
N ASP A 229 0.16 -9.30 7.84
CA ASP A 229 -0.62 -9.71 8.98
C ASP A 229 -1.26 -8.51 9.71
N THR A 230 -0.58 -7.36 9.67
CA THR A 230 -1.20 -6.15 10.23
C THR A 230 -2.32 -5.71 9.24
N ALA A 231 -2.10 -5.82 7.92
CA ALA A 231 -3.16 -5.43 7.00
C ALA A 231 -4.37 -6.37 7.16
N ALA A 232 -4.16 -7.66 7.41
CA ALA A 232 -5.33 -8.54 7.65
C ALA A 232 -6.14 -8.08 8.83
N PHE A 233 -5.48 -7.59 9.90
CA PHE A 233 -6.23 -7.01 11.01
C PHE A 233 -7.02 -5.81 10.59
N LEU A 234 -6.38 -4.89 9.84
CA LEU A 234 -7.05 -3.64 9.39
C LEU A 234 -8.22 -3.93 8.47
N PHE A 235 -8.18 -4.99 7.63
CA PHE A 235 -9.34 -5.27 6.79
C PHE A 235 -10.39 -6.01 7.60
N SER A 236 -10.06 -6.69 8.66
CA SER A 236 -11.06 -7.44 9.49
C SER A 236 -11.87 -6.51 10.36
N ASP A 237 -12.97 -7.11 10.85
CA ASP A 237 -13.83 -6.38 11.77
C ASP A 237 -13.22 -6.16 13.11
N MET A 238 -12.11 -6.82 13.41
CA MET A 238 -11.47 -6.64 14.71
C MET A 238 -11.00 -5.21 14.90
N SER A 239 -10.70 -4.48 13.78
CA SER A 239 -10.14 -3.17 13.80
C SER A 239 -11.19 -2.11 13.55
N ARG A 240 -12.49 -2.45 13.75
CA ARG A 240 -13.54 -1.51 13.36
C ARG A 240 -13.58 -0.21 14.12
N GLY A 241 -12.92 -0.06 15.27
CA GLY A 241 -12.84 1.24 15.93
C GLY A 241 -11.74 2.16 15.42
N ILE A 242 -10.92 1.66 14.46
CA ILE A 242 -9.72 2.36 14.07
C ILE A 242 -9.91 2.96 12.65
N THR A 243 -9.79 4.26 12.54
CA THR A 243 -9.73 4.89 11.20
C THR A 243 -8.94 6.15 11.29
N GLY A 244 -8.32 6.54 10.18
CA GLY A 244 -7.44 7.65 10.13
C GLY A 244 -6.08 7.42 10.81
N GLU A 245 -5.75 6.17 11.09
CA GLU A 245 -4.55 5.82 11.86
C GLU A 245 -3.41 5.42 10.97
N ASN A 246 -2.21 5.53 11.49
CA ASN A 246 -0.97 5.16 10.78
C ASN A 246 -0.27 4.14 11.71
N LEU A 247 -0.26 2.88 11.35
CA LEU A 247 0.33 1.85 12.19
C LEU A 247 1.75 1.58 11.74
N HIS A 248 2.73 1.80 12.60
CA HIS A 248 4.12 1.53 12.18
C HIS A 248 4.38 0.10 12.35
N VAL A 249 4.75 -0.61 11.28
CA VAL A 249 5.20 -2.03 11.27
C VAL A 249 6.63 -1.99 10.81
N ASP A 250 7.51 -1.70 11.80
CA ASP A 250 8.87 -1.30 11.52
C ASP A 250 9.80 -1.81 12.62
N SER A 251 9.38 -2.78 13.40
CA SER A 251 10.24 -3.33 14.48
C SER A 251 10.49 -2.31 15.58
N GLY A 252 9.66 -1.25 15.64
CA GLY A 252 9.82 -0.22 16.62
C GLY A 252 10.74 0.92 16.25
N PHE A 253 11.28 0.90 15.01
CA PHE A 253 12.29 1.87 14.67
C PHE A 253 11.82 3.27 14.86
N HIS A 254 10.52 3.56 14.57
CA HIS A 254 9.93 4.92 14.68
C HIS A 254 10.12 5.57 16.05
N ILE A 255 10.33 4.83 17.11
CA ILE A 255 10.42 5.46 18.45
C ILE A 255 11.85 5.81 18.74
N THR A 256 12.79 5.53 17.92
CA THR A 256 14.21 5.78 18.24
C THR A 256 14.70 6.98 17.51
N ALA A 257 15.73 7.58 18.06
CA ALA A 257 16.35 8.81 17.46
C ALA A 257 17.73 8.49 17.02
N ARG A 258 18.45 7.55 17.65
CA ARG A 258 19.86 7.25 17.22
C ARG A 258 20.30 5.88 17.79
N LEU A 259 21.43 5.40 17.28
CA LEU A 259 21.98 4.13 17.72
C LEU A 259 22.96 4.49 18.82
N GLU A 260 22.81 3.89 20.02
CA GLU A 260 23.75 4.17 21.10
C GLU A 260 25.21 3.83 20.69
PA NAD B . 7.09 -2.54 -5.55
O1A NAD B . 7.92 -1.90 -6.55
O2A NAD B . 6.96 -4.00 -5.49
O5B NAD B . 5.60 -1.96 -5.63
C5B NAD B . 5.30 -0.63 -6.10
C4B NAD B . 4.10 -0.82 -7.02
O4B NAD B . 3.71 0.45 -7.55
C3B NAD B . 4.45 -1.69 -8.24
O3B NAD B . 3.56 -2.80 -8.38
C2B NAD B . 4.27 -0.74 -9.41
O2B NAD B . 3.78 -1.39 -10.61
C1B NAD B . 3.20 0.23 -8.85
N9A NAD B . 3.03 1.44 -9.58
C8A NAD B . 4.02 2.35 -9.90
N7A NAD B . 3.49 3.24 -10.75
C5A NAD B . 2.19 2.85 -10.98
C6A NAD B . 1.17 3.39 -11.85
N6A NAD B . 1.36 4.42 -12.67
N1A NAD B . -0.04 2.76 -11.84
C2A NAD B . -0.27 1.69 -11.05
N3A NAD B . 0.70 1.11 -10.27
C4A NAD B . 1.85 1.75 -10.27
O3 NAD B . 7.66 -1.99 -4.14
PN NAD B . 7.02 -1.95 -2.68
O1N NAD B . 8.16 -1.59 -1.77
O2N NAD B . 6.26 -3.15 -2.44
O5D NAD B . 6.07 -0.70 -2.78
C5D NAD B . 4.66 -0.75 -2.34
C4D NAD B . 4.32 0.44 -1.48
O4D NAD B . 5.03 0.31 -0.24
C3D NAD B . 4.73 1.80 -2.01
O3D NAD B . 3.72 2.80 -1.67
C2D NAD B . 5.97 2.14 -1.22
O2D NAD B . 6.14 3.56 -1.10
C1D NAD B . 5.63 1.53 0.08
N1N NAD B . 6.69 1.34 1.04
C2N NAD B . 7.83 0.64 0.71
C3N NAD B . 8.80 0.40 1.64
C7N NAD B . 10.01 -0.30 1.26
O7N NAD B . 11.05 -0.19 2.00
N7N NAD B . 10.11 -1.14 0.21
C4N NAD B . 8.72 0.83 3.04
C5N NAD B . 7.44 1.52 3.33
C6N NAD B . 6.49 1.72 2.37
C20 IMJ C . 13.42 5.18 -1.79
C21 IMJ C . 14.26 6.25 -2.15
C22 IMJ C . 15.19 6.70 -1.22
C23 IMJ C . 15.34 6.22 0.03
C24 IMJ C . 14.49 5.16 0.38
C25 IMJ C . 13.56 4.65 -0.52
N26 IMJ C . 14.41 4.42 1.54
C27 IMJ C . 13.44 3.48 1.41
C28 IMJ C . 12.89 3.56 0.17
C29 IMJ C . 15.31 4.68 2.74
C30 IMJ C . 13.07 2.50 2.49
C31 IMJ C . 11.79 2.71 -0.40
N32 IMJ C . 10.44 3.33 -0.25
C33 IMJ C . 9.99 3.51 1.09
C34 IMJ C . 9.72 3.88 -1.24
O35 IMJ C . 8.62 4.49 -1.00
C36 IMJ C . 10.22 3.77 -2.66
C37 IMJ C . 9.65 4.54 -3.61
C38 IMJ C . 10.10 4.57 -5.04
C39 IMJ C . 11.18 3.79 -5.48
C40 IMJ C . 11.49 3.94 -6.88
C41 IMJ C . 12.62 3.17 -7.47
C42 IMJ C . 12.26 2.92 -8.95
C43 IMJ C . 11.84 4.19 -9.65
N44 IMJ C . 11.14 5.14 -8.99
C45 IMJ C . 10.83 4.94 -7.64
N46 IMJ C . 9.81 5.65 -7.16
C47 IMJ C . 9.45 5.47 -5.86
O48 IMJ C . 12.04 4.38 -10.89
#